data_8QOH
#
_entry.id   8QOH
#
_cell.length_a   49.758
_cell.length_b   87.583
_cell.length_c   71.879
_cell.angle_alpha   90.00
_cell.angle_beta   93.61
_cell.angle_gamma   90.00
#
_symmetry.space_group_name_H-M   'P 1 21 1'
#
loop_
_entity.id
_entity.type
_entity.pdbx_description
1 polymer 'kinetochore protein KKT14'
2 water water
#
_entity_poly.entity_id   1
_entity_poly.type   'polypeptide(L)'
_entity_poly.pdbx_seq_one_letter_code
;GSELAHFQSEIEENYEAVGNVVVDLMGGCEPTLRVGRVQLGNDIFTLREEIRATELKRVLYVGTTEGDEFPVVVYAWTNG
NSYESAKAFVASQGLNVPCRIVGYRSYDKMSGYTAIIFPQGHVYSLRTFLQRSVPTRATETALYYVAETLRSLCTRRIIH
CALTPDNVFMYMDSTGASLKTFPVCWDDCVDAAMFSERGLKFVPSLPVLMRHAVKEIDGSYIDFVSFCRMFRQIENNCSA
MCQKVAKMKAPPVVRMTDYTNIQTELTWDMDAVMNHFC
;
_entity_poly.pdbx_strand_id   B,A
#
# COMPACT_ATOMS: atom_id res chain seq x y z
N ALA A 5 -13.64 17.67 -32.57
CA ALA A 5 -13.35 16.40 -33.23
C ALA A 5 -11.90 16.32 -33.67
N HIS A 6 -11.19 17.45 -33.59
CA HIS A 6 -9.75 17.45 -33.85
C HIS A 6 -9.05 16.47 -32.93
N PHE A 7 -8.11 15.72 -33.49
CA PHE A 7 -7.35 14.74 -32.73
C PHE A 7 -6.75 15.35 -31.47
N GLN A 8 -6.23 16.59 -31.56
CA GLN A 8 -5.67 17.21 -30.37
C GLN A 8 -6.75 17.63 -29.38
N SER A 9 -7.87 18.16 -29.87
CA SER A 9 -8.95 18.58 -28.98
C SER A 9 -9.43 17.42 -28.12
N GLU A 10 -9.61 16.25 -28.72
CA GLU A 10 -10.16 15.10 -28.01
C GLU A 10 -9.13 14.44 -27.10
N ILE A 11 -7.91 14.24 -27.59
CA ILE A 11 -6.82 13.78 -26.74
C ILE A 11 -6.71 14.62 -25.48
N GLU A 12 -6.78 15.95 -25.62
CA GLU A 12 -6.64 16.83 -24.47
C GLU A 12 -7.82 16.72 -23.53
N GLU A 13 -9.04 16.85 -24.06
CA GLU A 13 -10.23 16.73 -23.23
C GLU A 13 -10.27 15.40 -22.50
N ASN A 14 -9.82 14.32 -23.14
CA ASN A 14 -9.88 12.99 -22.53
C ASN A 14 -8.93 12.87 -21.35
N TYR A 15 -7.69 13.33 -21.52
CA TYR A 15 -6.65 13.08 -20.52
C TYR A 15 -6.56 14.17 -19.46
N GLU A 16 -7.16 15.34 -19.70
CA GLU A 16 -7.35 16.30 -18.62
C GLU A 16 -8.35 15.80 -17.59
N ALA A 17 -9.28 14.93 -18.00
CA ALA A 17 -10.38 14.44 -17.19
C ALA A 17 -10.03 13.25 -16.31
N VAL A 18 -8.89 12.60 -16.52
CA VAL A 18 -8.55 11.45 -15.68
C VAL A 18 -8.22 11.94 -14.28
N GLY A 19 -8.68 11.19 -13.28
CA GLY A 19 -8.57 11.64 -11.91
C GLY A 19 -7.20 11.44 -11.31
N ASN A 20 -6.19 12.09 -11.90
CA ASN A 20 -4.85 12.10 -11.33
C ASN A 20 -4.30 13.51 -11.39
N VAL A 21 -3.74 13.98 -10.25
CA VAL A 21 -3.26 15.34 -10.16
C VAL A 21 -2.10 15.58 -11.14
N VAL A 22 -2.15 16.73 -11.82
CA VAL A 22 -1.01 17.29 -12.56
C VAL A 22 -0.63 18.62 -11.89
N VAL A 23 0.62 18.71 -11.44
CA VAL A 23 1.11 19.90 -10.76
C VAL A 23 1.77 20.83 -11.78
N ASP A 24 1.21 22.02 -11.87
CA ASP A 24 1.76 23.06 -12.78
C ASP A 24 3.03 23.66 -12.19
N LEU A 25 4.12 23.65 -12.94
CA LEU A 25 5.40 24.25 -12.52
C LEU A 25 5.47 25.71 -13.00
N MET A 26 6.06 26.57 -12.17
CA MET A 26 6.13 28.00 -12.51
C MET A 26 7.44 28.31 -13.22
N GLY A 27 7.46 29.37 -14.00
CA GLY A 27 8.70 29.77 -14.69
C GLY A 27 9.87 29.73 -13.78
N GLY A 28 10.93 29.05 -14.18
CA GLY A 28 12.14 28.98 -13.36
C GLY A 28 12.15 27.71 -12.56
N CYS A 29 11.01 27.06 -12.47
CA CYS A 29 10.89 25.88 -11.58
C CYS A 29 10.74 24.59 -12.39
N GLU A 30 11.43 24.48 -13.51
CA GLU A 30 11.43 23.24 -14.30
C GLU A 30 12.81 22.62 -14.13
N PRO A 31 13.00 21.74 -13.15
CA PRO A 31 14.30 21.17 -12.87
C PRO A 31 15.01 20.47 -14.04
N THR A 32 16.32 20.38 -13.92
CA THR A 32 17.12 19.61 -14.88
C THR A 32 17.39 18.30 -14.19
N LEU A 33 16.81 17.25 -14.69
CA LEU A 33 16.94 15.98 -13.98
C LEU A 33 18.38 15.48 -14.10
N ARG A 34 18.92 15.00 -13.00
CA ARG A 34 20.26 14.40 -12.96
C ARG A 34 20.36 13.66 -11.61
N VAL A 35 21.42 12.88 -11.41
CA VAL A 35 21.61 12.23 -10.13
C VAL A 35 21.92 13.27 -9.05
N GLY A 36 21.34 13.08 -7.87
CA GLY A 36 21.40 14.07 -6.79
C GLY A 36 20.00 14.52 -6.43
N ARG A 37 19.90 15.69 -5.80
CA ARG A 37 18.63 16.22 -5.32
C ARG A 37 17.86 16.92 -6.44
N VAL A 38 16.57 16.60 -6.56
CA VAL A 38 15.68 17.25 -7.51
C VAL A 38 14.40 17.63 -6.80
N GLN A 39 13.93 18.86 -7.01
CA GLN A 39 12.66 19.29 -6.46
C GLN A 39 11.68 19.55 -7.61
N LEU A 40 10.54 18.88 -7.52
CA LEU A 40 9.47 19.07 -8.51
C LEU A 40 8.22 19.53 -7.74
N GLY A 41 7.73 20.71 -8.07
CA GLY A 41 6.61 21.28 -7.34
C GLY A 41 7.02 21.44 -5.89
N ASN A 42 6.33 20.78 -4.99
CA ASN A 42 6.68 20.83 -3.55
C ASN A 42 7.35 19.52 -3.17
N ASP A 43 7.65 18.67 -4.16
CA ASP A 43 8.14 17.33 -3.87
C ASP A 43 9.65 17.26 -4.13
N ILE A 44 10.37 16.61 -3.22
CA ILE A 44 11.81 16.52 -3.26
C ILE A 44 12.19 15.06 -3.36
N PHE A 45 13.10 14.73 -4.29
CA PHE A 45 13.57 13.38 -4.47
C PHE A 45 15.09 13.34 -4.45
N THR A 46 15.65 12.22 -4.02
CA THR A 46 17.09 11.96 -4.15
C THR A 46 17.27 10.91 -5.24
N LEU A 47 17.64 11.39 -6.43
CA LEU A 47 17.84 10.49 -7.59
C LEU A 47 19.22 9.87 -7.47
N ARG A 48 19.28 8.55 -7.50
CA ARG A 48 20.54 7.82 -7.24
C ARG A 48 21.15 7.23 -8.50
N GLU A 49 20.29 6.88 -9.47
CA GLU A 49 20.78 6.19 -10.68
C GLU A 49 20.14 6.75 -11.94
N GLU A 50 20.99 6.98 -12.93
CA GLU A 50 20.51 7.40 -14.24
C GLU A 50 20.39 6.18 -15.14
N ILE A 51 19.23 6.01 -15.78
CA ILE A 51 18.98 4.93 -16.73
C ILE A 51 18.91 5.53 -18.13
N ARG A 52 19.73 5.01 -19.03
CA ARG A 52 19.77 5.48 -20.41
C ARG A 52 19.00 4.48 -21.28
N ALA A 53 17.76 4.84 -21.61
CA ALA A 53 16.93 4.02 -22.51
C ALA A 53 17.37 4.33 -23.94
N THR A 54 18.46 3.66 -24.35
CA THR A 54 19.16 4.04 -25.59
C THR A 54 18.28 3.88 -26.82
N GLU A 55 17.39 2.87 -26.83
CA GLU A 55 16.55 2.66 -28.01
C GLU A 55 15.53 3.77 -28.17
N LEU A 56 15.07 4.34 -27.06
CA LEU A 56 14.13 5.45 -27.04
C LEU A 56 14.82 6.82 -27.06
N LYS A 57 16.16 6.85 -26.95
CA LYS A 57 16.93 8.11 -26.90
C LYS A 57 16.50 8.98 -25.73
N ARG A 58 16.29 8.35 -24.57
CA ARG A 58 15.77 8.98 -23.38
C ARG A 58 16.57 8.56 -22.16
N VAL A 59 16.43 9.32 -21.09
CA VAL A 59 16.96 8.91 -19.80
C VAL A 59 15.83 8.89 -18.77
N LEU A 60 16.02 8.03 -17.76
CA LEU A 60 15.13 7.90 -16.61
C LEU A 60 15.96 7.88 -15.33
N TYR A 61 15.30 8.08 -14.18
CA TYR A 61 16.01 8.06 -12.90
C TYR A 61 15.25 7.24 -11.86
N VAL A 62 16.01 6.52 -11.04
CA VAL A 62 15.48 5.79 -9.87
C VAL A 62 16.11 6.37 -8.61
N GLY A 63 15.30 6.59 -7.59
CA GLY A 63 15.78 7.16 -6.34
C GLY A 63 14.82 6.88 -5.22
N THR A 64 14.76 7.82 -4.27
CA THR A 64 13.86 7.70 -3.13
C THR A 64 13.24 9.06 -2.84
N THR A 65 12.11 8.99 -2.14
CA THR A 65 11.35 10.18 -1.71
C THR A 65 12.11 10.93 -0.60
N GLU A 66 11.94 12.25 -0.50
CA GLU A 66 12.73 13.09 0.44
C GLU A 66 12.78 12.43 1.82
N GLY A 67 14.01 12.15 2.24
CA GLY A 67 14.28 11.31 3.40
C GLY A 67 14.89 10.05 2.81
N ASP A 68 15.54 9.20 3.60
CA ASP A 68 15.93 7.88 3.04
C ASP A 68 14.58 7.18 3.04
N GLU A 69 13.76 7.40 2.03
CA GLU A 69 12.37 6.94 2.14
C GLU A 69 11.85 5.99 1.05
N PHE A 70 10.75 6.36 0.44
CA PHE A 70 10.04 5.50 -0.53
C PHE A 70 10.71 5.47 -1.90
N PRO A 71 10.78 4.28 -2.54
CA PRO A 71 11.40 4.14 -3.86
C PRO A 71 10.58 4.92 -4.88
N VAL A 72 11.30 5.52 -5.84
CA VAL A 72 10.62 6.34 -6.87
C VAL A 72 11.30 6.22 -8.24
N VAL A 73 10.51 6.43 -9.28
CA VAL A 73 11.06 6.49 -10.66
C VAL A 73 10.66 7.86 -11.20
N VAL A 74 11.65 8.59 -11.70
CA VAL A 74 11.40 9.96 -12.26
C VAL A 74 11.95 10.07 -13.68
N TYR A 75 11.17 10.71 -14.52
CA TYR A 75 11.59 10.91 -15.93
C TYR A 75 10.81 12.06 -16.57
N ALA A 76 11.42 12.63 -17.60
CA ALA A 76 10.77 13.70 -18.36
C ALA A 76 9.95 13.13 -19.51
N TRP A 77 8.85 13.78 -19.79
CA TRP A 77 8.02 13.39 -20.95
C TRP A 77 8.76 13.77 -22.25
N THR A 78 8.24 13.28 -23.36
CA THR A 78 8.77 13.67 -24.68
C THR A 78 8.51 15.17 -24.82
N ASN A 79 7.35 15.61 -24.38
CA ASN A 79 6.95 17.02 -24.49
C ASN A 79 5.77 17.27 -23.54
N GLY A 80 5.48 18.54 -23.28
CA GLY A 80 4.46 18.93 -22.30
C GLY A 80 3.02 18.71 -22.73
N ASN A 81 2.80 18.20 -23.93
CA ASN A 81 1.41 17.86 -24.35
C ASN A 81 1.31 16.35 -24.57
N SER A 82 2.29 15.58 -24.08
CA SER A 82 2.26 14.09 -24.15
C SER A 82 1.22 13.52 -23.18
N TYR A 83 0.81 14.27 -22.17
CA TYR A 83 -0.10 13.77 -21.09
C TYR A 83 0.38 12.39 -20.60
N GLU A 84 1.69 12.20 -20.56
CA GLU A 84 2.25 10.89 -20.20
C GLU A 84 1.72 10.40 -18.83
N SER A 85 1.61 11.29 -17.85
CA SER A 85 1.20 10.90 -16.47
C SER A 85 -0.23 10.37 -16.50
N ALA A 86 -1.08 11.00 -17.28
CA ALA A 86 -2.50 10.58 -17.37
C ALA A 86 -2.58 9.24 -18.08
N LYS A 87 -1.73 9.02 -19.08
CA LYS A 87 -1.69 7.76 -19.85
C LYS A 87 -1.16 6.65 -18.95
N ALA A 88 -0.20 6.97 -18.11
CA ALA A 88 0.39 5.97 -17.18
C ALA A 88 -0.61 5.63 -16.06
N PHE A 89 -1.45 6.58 -15.69
CA PHE A 89 -2.43 6.35 -14.61
C PHE A 89 -3.54 5.43 -15.13
N VAL A 90 -4.10 5.79 -16.27
CA VAL A 90 -5.13 4.91 -16.91
C VAL A 90 -4.55 3.49 -16.98
N ALA A 91 -3.31 3.38 -17.40
CA ALA A 91 -2.67 2.06 -17.53
C ALA A 91 -2.59 1.35 -16.18
N SER A 92 -2.22 2.06 -15.12
CA SER A 92 -2.05 1.52 -13.76
C SER A 92 -3.36 0.94 -13.22
N GLN A 93 -4.48 1.53 -13.58
CA GLN A 93 -5.80 1.12 -13.09
C GLN A 93 -6.13 -0.34 -13.43
N GLY A 94 -5.38 -0.96 -14.33
CA GLY A 94 -5.69 -2.32 -14.77
C GLY A 94 -4.54 -3.26 -14.51
N LEU A 95 -3.54 -2.79 -13.79
CA LEU A 95 -2.42 -3.67 -13.41
C LEU A 95 -2.35 -3.80 -11.89
N ASN A 96 -1.82 -4.92 -11.42
CA ASN A 96 -1.71 -5.19 -9.97
C ASN A 96 -0.33 -4.74 -9.54
N VAL A 97 -0.18 -3.44 -9.40
CA VAL A 97 1.11 -2.88 -8.95
C VAL A 97 0.80 -1.68 -8.06
N PRO A 98 1.44 -1.59 -6.88
CA PRO A 98 1.22 -0.47 -6.01
C PRO A 98 2.11 0.68 -6.47
N CYS A 99 1.50 1.72 -7.05
CA CYS A 99 2.29 2.84 -7.61
C CYS A 99 1.49 4.14 -7.49
N ARG A 100 2.12 5.19 -6.95
CA ARG A 100 1.49 6.54 -6.90
C ARG A 100 2.11 7.41 -7.99
N ILE A 101 1.30 7.88 -8.92
CA ILE A 101 1.81 8.61 -10.11
C ILE A 101 1.55 10.10 -9.98
N VAL A 102 2.61 10.90 -10.08
CA VAL A 102 2.43 12.37 -10.04
C VAL A 102 2.96 13.01 -11.33
N GLY A 103 2.10 13.77 -11.96
CA GLY A 103 2.50 14.49 -13.17
C GLY A 103 2.80 15.95 -12.91
N TYR A 104 3.84 16.45 -13.58
CA TYR A 104 4.22 17.87 -13.46
C TYR A 104 4.32 18.48 -14.87
N ARG A 105 3.74 19.64 -15.06
CA ARG A 105 3.74 20.32 -16.37
C ARG A 105 4.24 21.76 -16.21
N SER A 106 5.11 22.21 -17.10
CA SER A 106 5.60 23.61 -17.10
C SER A 106 4.40 24.52 -17.35
N TYR A 107 4.49 25.74 -16.88
CA TYR A 107 3.42 26.74 -17.10
C TYR A 107 3.23 27.00 -18.60
N ASP A 108 4.30 26.88 -19.38
CA ASP A 108 4.26 27.11 -20.85
C ASP A 108 3.81 25.83 -21.58
N LYS A 109 3.46 24.78 -20.84
CA LYS A 109 3.00 23.48 -21.41
C LYS A 109 4.09 22.88 -22.29
N MET A 110 5.34 23.29 -22.10
CA MET A 110 6.42 22.82 -22.99
C MET A 110 7.13 21.62 -22.40
N SER A 111 7.18 21.55 -21.09
CA SER A 111 7.95 20.48 -20.43
C SER A 111 7.05 19.70 -19.47
N GLY A 112 7.46 18.50 -19.19
CA GLY A 112 6.64 17.62 -18.37
C GLY A 112 7.48 16.58 -17.69
N TYR A 113 6.96 16.13 -16.56
CA TYR A 113 7.72 15.18 -15.74
C TYR A 113 6.73 14.25 -15.04
N THR A 114 7.22 13.05 -14.80
CA THR A 114 6.39 12.07 -14.09
C THR A 114 7.21 11.51 -12.93
N ALA A 115 6.62 11.51 -11.76
CA ALA A 115 7.21 10.78 -10.63
C ALA A 115 6.27 9.62 -10.25
N ILE A 116 6.85 8.48 -9.97
CA ILE A 116 6.06 7.27 -9.58
C ILE A 116 6.60 6.73 -8.27
N ILE A 117 5.73 6.74 -7.29
CA ILE A 117 6.15 6.27 -5.95
C ILE A 117 5.61 4.86 -5.68
N PHE A 118 6.50 4.01 -5.24
CA PHE A 118 6.14 2.63 -4.86
C PHE A 118 6.17 2.46 -3.34
N PRO A 119 5.61 1.36 -2.81
CA PRO A 119 5.73 1.06 -1.40
C PRO A 119 7.19 0.79 -1.04
N GLN A 120 7.48 0.58 0.24
CA GLN A 120 8.87 0.43 0.71
C GLN A 120 9.46 -0.93 0.43
N GLY A 121 9.47 -1.34 -0.82
CA GLY A 121 10.14 -2.55 -1.24
C GLY A 121 11.37 -2.23 -2.06
N HIS A 122 11.55 -2.92 -3.20
CA HIS A 122 12.67 -2.70 -4.08
C HIS A 122 12.17 -2.51 -5.50
N VAL A 123 12.83 -1.63 -6.26
CA VAL A 123 12.47 -1.35 -7.65
C VAL A 123 13.68 -1.61 -8.52
N TYR A 124 13.50 -2.47 -9.55
CA TYR A 124 14.57 -2.81 -10.48
C TYR A 124 14.08 -2.64 -11.92
N SER A 125 14.96 -2.18 -12.79
CA SER A 125 14.59 -2.20 -14.19
C SER A 125 14.62 -3.63 -14.70
N LEU A 126 13.84 -3.87 -15.76
CA LEU A 126 13.93 -5.18 -16.38
C LEU A 126 15.34 -5.44 -16.87
N ARG A 127 16.02 -4.40 -17.37
CA ARG A 127 17.41 -4.51 -17.81
C ARG A 127 18.29 -5.15 -16.74
N THR A 128 18.02 -4.89 -15.47
CA THR A 128 18.83 -5.48 -14.41
C THR A 128 18.74 -7.00 -14.46
N PHE A 129 17.55 -7.53 -14.76
CA PHE A 129 17.35 -8.97 -14.81
C PHE A 129 17.96 -9.61 -16.06
N LEU A 130 18.31 -8.82 -17.07
CA LEU A 130 18.91 -9.33 -18.30
C LEU A 130 20.43 -9.39 -18.26
N GLN A 131 21.05 -8.99 -17.15
CA GLN A 131 22.49 -8.82 -17.11
C GLN A 131 23.12 -10.21 -16.94
N ARG A 132 24.36 -10.38 -17.42
CA ARG A 132 24.92 -11.73 -17.43
C ARG A 132 25.24 -12.24 -16.04
N SER A 133 25.20 -11.37 -15.03
CA SER A 133 25.40 -11.80 -13.66
C SER A 133 24.22 -12.62 -13.15
N VAL A 134 23.02 -12.34 -13.65
CA VAL A 134 21.77 -12.88 -13.09
C VAL A 134 21.63 -14.35 -13.48
N PRO A 135 21.26 -15.23 -12.54
CA PRO A 135 20.97 -16.63 -12.91
C PRO A 135 19.76 -16.75 -13.84
N THR A 136 19.76 -17.80 -14.65
CA THR A 136 18.76 -17.95 -15.70
C THR A 136 17.34 -18.01 -15.12
N ARG A 137 17.17 -18.69 -13.98
CA ARG A 137 15.84 -18.87 -13.43
C ARG A 137 15.25 -17.55 -12.95
N ALA A 138 16.09 -16.64 -12.46
CA ALA A 138 15.64 -15.29 -12.12
C ALA A 138 15.29 -14.48 -13.36
N THR A 139 16.13 -14.54 -14.38
CA THR A 139 15.80 -13.87 -15.64
C THR A 139 14.44 -14.34 -16.16
N GLU A 140 14.25 -15.66 -16.26
CA GLU A 140 12.98 -16.19 -16.76
C GLU A 140 11.79 -15.77 -15.91
N THR A 141 11.99 -15.61 -14.59
CA THR A 141 10.90 -15.21 -13.69
C THR A 141 10.41 -13.80 -13.99
N ALA A 142 11.34 -12.85 -14.12
CA ALA A 142 10.96 -11.50 -14.54
C ALA A 142 10.19 -11.55 -15.87
N LEU A 143 10.73 -12.26 -16.86
CA LEU A 143 10.07 -12.30 -18.16
C LEU A 143 8.72 -13.00 -18.08
N TYR A 144 8.58 -13.95 -17.14
CA TYR A 144 7.29 -14.59 -16.85
C TYR A 144 6.24 -13.57 -16.41
N TYR A 145 6.61 -12.67 -15.50
CA TYR A 145 5.67 -11.63 -15.08
C TYR A 145 5.40 -10.63 -16.20
N VAL A 146 6.43 -10.27 -16.97
CA VAL A 146 6.22 -9.35 -18.09
C VAL A 146 5.19 -9.92 -19.06
N ALA A 147 5.27 -11.23 -19.33
CA ALA A 147 4.28 -11.88 -20.21
C ALA A 147 2.87 -11.63 -19.73
N GLU A 148 2.61 -11.87 -18.43
CA GLU A 148 1.32 -11.60 -17.83
C GLU A 148 0.91 -10.13 -18.00
N THR A 149 1.83 -9.22 -17.72
CA THR A 149 1.51 -7.80 -17.82
C THR A 149 1.15 -7.40 -19.25
N LEU A 150 1.96 -7.85 -20.21
CA LEU A 150 1.67 -7.50 -21.61
C LEU A 150 0.41 -8.20 -22.11
N ARG A 151 0.13 -9.42 -21.63
CA ARG A 151 -1.13 -10.07 -22.01
C ARG A 151 -2.32 -9.28 -21.49
N SER A 152 -2.18 -8.71 -20.29
CA SER A 152 -3.25 -7.92 -19.69
C SER A 152 -3.50 -6.63 -20.47
N LEU A 153 -2.44 -5.96 -20.92
CA LEU A 153 -2.61 -4.81 -21.80
C LEU A 153 -3.23 -5.21 -23.13
N CYS A 154 -2.88 -6.39 -23.63
CA CYS A 154 -3.44 -6.83 -24.91
C CYS A 154 -4.96 -6.92 -24.85
N THR A 155 -5.50 -7.48 -23.76
CA THR A 155 -6.95 -7.58 -23.58
C THR A 155 -7.61 -6.20 -23.47
N ARG A 156 -6.96 -5.26 -22.78
CA ARG A 156 -7.53 -3.93 -22.56
C ARG A 156 -7.43 -3.06 -23.79
N ARG A 157 -6.70 -3.50 -24.82
CA ARG A 157 -6.51 -2.77 -26.07
C ARG A 157 -5.80 -1.45 -25.81
N ILE A 158 -4.78 -1.51 -24.95
CA ILE A 158 -3.84 -0.42 -24.73
C ILE A 158 -2.52 -0.88 -25.32
N ILE A 159 -2.00 -0.10 -26.25
CA ILE A 159 -0.73 -0.43 -26.89
C ILE A 159 0.30 0.59 -26.41
N HIS A 160 1.42 0.11 -25.86
CA HIS A 160 2.38 0.99 -25.23
C HIS A 160 3.25 1.71 -26.27
N CYS A 161 3.79 0.96 -27.24
CA CYS A 161 4.48 1.45 -28.44
C CYS A 161 5.95 1.83 -28.21
N ALA A 162 6.46 1.78 -27.00
CA ALA A 162 7.85 2.08 -26.73
C ALA A 162 8.40 1.20 -25.60
N LEU A 163 8.16 -0.12 -25.65
CA LEU A 163 8.63 -1.01 -24.59
C LEU A 163 10.08 -1.42 -24.81
N THR A 164 10.92 -1.19 -23.79
CA THR A 164 12.30 -1.67 -23.70
C THR A 164 12.59 -2.13 -22.29
N PRO A 165 13.66 -2.92 -22.09
CA PRO A 165 14.04 -3.30 -20.73
C PRO A 165 14.45 -2.12 -19.84
N ASP A 166 14.76 -0.97 -20.42
CA ASP A 166 15.14 0.18 -19.62
C ASP A 166 13.95 0.99 -19.13
N ASN A 167 12.73 0.71 -19.60
CA ASN A 167 11.57 1.46 -19.13
C ASN A 167 10.46 0.53 -18.71
N VAL A 168 10.82 -0.68 -18.29
CA VAL A 168 9.91 -1.58 -17.60
C VAL A 168 10.47 -1.84 -16.21
N PHE A 169 9.67 -1.60 -15.20
CA PHE A 169 10.17 -1.73 -13.83
C PHE A 169 9.47 -2.84 -13.07
N MET A 170 10.27 -3.55 -12.28
CA MET A 170 9.81 -4.69 -11.48
C MET A 170 9.86 -4.29 -10.01
N TYR A 171 8.70 -4.27 -9.35
CA TYR A 171 8.60 -3.93 -7.93
C TYR A 171 8.56 -5.20 -7.09
N MET A 172 9.52 -5.35 -6.19
CA MET A 172 9.57 -6.49 -5.28
C MET A 172 9.32 -5.98 -3.87
N ASP A 173 8.23 -6.44 -3.25
CA ASP A 173 7.93 -5.95 -1.92
C ASP A 173 8.93 -6.53 -0.92
N SER A 174 8.88 -6.01 0.31
CA SER A 174 9.89 -6.34 1.31
C SER A 174 9.92 -7.84 1.66
N THR A 175 8.88 -8.62 1.32
CA THR A 175 8.95 -10.04 1.62
C THR A 175 9.71 -10.83 0.57
N GLY A 176 9.80 -10.33 -0.66
CA GLY A 176 10.38 -11.11 -1.73
C GLY A 176 9.48 -12.20 -2.28
N ALA A 177 8.17 -12.06 -2.13
CA ALA A 177 7.27 -13.13 -2.57
C ALA A 177 6.99 -13.04 -4.06
N SER A 178 7.06 -11.85 -4.66
CA SER A 178 6.60 -11.69 -6.04
C SER A 178 7.28 -10.48 -6.68
N LEU A 179 7.14 -10.39 -8.00
CA LEU A 179 7.47 -9.18 -8.74
C LEU A 179 6.17 -8.60 -9.29
N LYS A 180 6.04 -7.29 -9.21
CA LYS A 180 4.94 -6.57 -9.84
C LYS A 180 5.51 -5.59 -10.85
N THR A 181 5.02 -5.68 -12.09
CA THR A 181 5.62 -5.04 -13.25
C THR A 181 4.87 -3.75 -13.56
N PHE A 182 5.61 -2.68 -13.79
CA PHE A 182 4.97 -1.48 -14.35
C PHE A 182 5.86 -0.86 -15.42
N PRO A 183 5.42 -0.88 -16.70
CA PRO A 183 6.12 -0.14 -17.74
C PRO A 183 5.89 1.36 -17.50
N VAL A 184 6.79 2.20 -18.02
CA VAL A 184 6.68 3.65 -17.63
C VAL A 184 6.48 4.70 -18.75
N CYS A 185 7.36 4.87 -19.68
CA CYS A 185 7.24 6.02 -20.62
C CYS A 185 6.06 5.85 -21.59
N TRP A 186 4.89 6.39 -21.26
CA TRP A 186 3.64 6.13 -22.02
C TRP A 186 3.21 7.28 -22.93
N ASP A 187 4.16 8.11 -23.35
CA ASP A 187 3.79 9.34 -24.10
C ASP A 187 3.07 9.02 -25.41
N ASP A 188 3.40 7.89 -26.02
CA ASP A 188 2.86 7.59 -27.34
C ASP A 188 1.82 6.47 -27.32
N CYS A 189 1.27 6.14 -26.15
CA CYS A 189 0.48 4.92 -26.06
C CYS A 189 -0.91 5.10 -26.66
N VAL A 190 -1.46 4.00 -27.16
CA VAL A 190 -2.70 4.00 -27.92
C VAL A 190 -3.76 3.29 -27.10
N ASP A 191 -4.81 4.02 -26.72
CA ASP A 191 -5.97 3.49 -26.00
C ASP A 191 -7.03 3.31 -27.07
N ALA A 192 -7.01 2.12 -27.70
CA ALA A 192 -7.81 1.89 -28.89
C ALA A 192 -9.30 2.12 -28.62
N ALA A 193 -9.80 1.64 -27.47
CA ALA A 193 -11.20 1.88 -27.12
C ALA A 193 -11.50 3.37 -27.01
N MET A 194 -10.58 4.12 -26.40
CA MET A 194 -10.76 5.57 -26.28
C MET A 194 -10.85 6.23 -27.64
N PHE A 195 -9.90 5.93 -28.53
CA PHE A 195 -9.94 6.36 -29.92
C PHE A 195 -11.33 6.15 -30.52
N SER A 196 -11.85 4.91 -30.43
CA SER A 196 -13.09 4.57 -31.11
C SER A 196 -14.26 5.39 -30.57
N GLU A 197 -14.30 5.59 -29.24
CA GLU A 197 -15.40 6.34 -28.64
C GLU A 197 -15.35 7.82 -29.02
N ARG A 198 -14.15 8.38 -29.21
CA ARG A 198 -14.03 9.78 -29.57
C ARG A 198 -13.91 10.02 -31.07
N GLY A 199 -13.93 8.96 -31.88
CA GLY A 199 -13.89 9.13 -33.32
C GLY A 199 -12.55 9.57 -33.86
N LEU A 200 -11.46 9.00 -33.36
CA LEU A 200 -10.11 9.46 -33.62
C LEU A 200 -9.38 8.54 -34.59
N LYS A 201 -8.81 9.11 -35.63
CA LYS A 201 -7.88 8.37 -36.48
C LYS A 201 -6.48 8.89 -36.25
N PHE A 202 -5.50 8.06 -36.58
CA PHE A 202 -4.11 8.48 -36.49
C PHE A 202 -3.86 9.61 -37.48
N VAL A 203 -3.04 10.59 -37.08
CA VAL A 203 -2.73 11.69 -37.99
C VAL A 203 -1.26 11.56 -38.42
N PRO A 204 -0.91 11.98 -39.63
CA PRO A 204 0.40 11.61 -40.20
C PRO A 204 1.60 12.08 -39.39
N SER A 205 1.49 13.20 -38.67
CA SER A 205 2.62 13.75 -37.94
C SER A 205 2.86 13.17 -36.55
N LEU A 206 2.29 12.19 -35.76
CA LEU A 206 2.43 11.31 -34.60
C LEU A 206 3.72 10.50 -34.74
N PRO A 207 4.38 11.07 -33.56
CA PRO A 207 5.67 10.36 -33.49
C PRO A 207 5.53 8.85 -33.58
N VAL A 208 4.42 8.27 -33.15
CA VAL A 208 4.31 6.82 -33.13
C VAL A 208 4.26 6.26 -34.55
N LEU A 209 3.61 6.97 -35.48
CA LEU A 209 3.55 6.50 -36.86
C LEU A 209 4.90 6.67 -37.56
N MET A 210 5.59 7.78 -37.31
CA MET A 210 6.91 7.97 -37.89
C MET A 210 7.94 7.03 -37.28
N ARG A 211 7.86 6.80 -35.96
CA ARG A 211 8.84 5.97 -35.27
C ARG A 211 8.79 4.53 -35.77
N HIS A 212 7.58 4.02 -35.85
CA HIS A 212 7.43 2.69 -36.48
C HIS A 212 7.22 3.03 -37.97
N ALA A 213 7.09 2.04 -38.85
CA ALA A 213 6.79 2.35 -40.27
C ALA A 213 5.39 1.84 -40.52
N VAL A 214 4.40 2.64 -40.18
CA VAL A 214 3.00 2.14 -40.25
C VAL A 214 2.15 3.36 -40.52
N LYS A 215 0.90 3.17 -40.88
CA LYS A 215 0.03 4.34 -41.01
C LYS A 215 -1.00 4.25 -39.91
N GLU A 216 -0.84 3.20 -39.08
CA GLU A 216 -1.77 2.96 -37.97
C GLU A 216 -1.21 1.96 -36.97
N ILE A 217 -1.67 2.06 -35.72
CA ILE A 217 -1.35 1.14 -34.66
C ILE A 217 -2.64 0.40 -34.36
N ASP A 218 -2.71 -0.85 -34.79
CA ASP A 218 -3.94 -1.62 -34.77
C ASP A 218 -3.61 -2.95 -34.11
N GLY A 219 -4.03 -3.12 -32.85
CA GLY A 219 -3.66 -4.29 -32.08
C GLY A 219 -2.28 -4.17 -31.46
N SER A 220 -1.90 -5.24 -30.77
CA SER A 220 -0.72 -5.29 -29.91
C SER A 220 0.52 -5.83 -30.64
N TYR A 221 0.48 -5.91 -31.97
CA TYR A 221 1.63 -6.42 -32.72
C TYR A 221 2.90 -5.71 -32.29
N ILE A 222 2.87 -4.36 -32.27
CA ILE A 222 4.05 -3.56 -31.90
C ILE A 222 4.58 -3.97 -30.52
N ASP A 223 3.69 -4.13 -29.53
CA ASP A 223 4.17 -4.50 -28.19
C ASP A 223 4.70 -5.93 -28.17
N PHE A 224 4.10 -6.85 -28.94
CA PHE A 224 4.58 -8.23 -28.93
C PHE A 224 5.98 -8.33 -29.52
N VAL A 225 6.25 -7.61 -30.61
CA VAL A 225 7.60 -7.57 -31.17
C VAL A 225 8.57 -6.94 -30.17
N SER A 226 8.17 -5.85 -29.52
CA SER A 226 8.98 -5.27 -28.43
C SER A 226 9.37 -6.34 -27.41
N PHE A 227 8.38 -7.12 -26.96
CA PHE A 227 8.62 -8.19 -26.00
C PHE A 227 9.67 -9.17 -26.53
N CYS A 228 9.52 -9.61 -27.78
CA CYS A 228 10.45 -10.59 -28.32
C CYS A 228 11.87 -10.06 -28.40
N ARG A 229 12.03 -8.77 -28.71
CA ARG A 229 13.37 -8.17 -28.73
C ARG A 229 14.04 -8.21 -27.36
N MET A 230 13.26 -8.10 -26.28
CA MET A 230 13.88 -8.18 -24.96
C MET A 230 14.60 -9.51 -24.76
N PHE A 231 14.09 -10.59 -25.36
CA PHE A 231 14.75 -11.89 -25.28
C PHE A 231 16.08 -11.90 -26.02
N ARG A 232 16.18 -11.14 -27.12
CA ARG A 232 17.46 -11.02 -27.80
C ARG A 232 18.54 -10.39 -26.91
N GLN A 233 18.14 -9.57 -25.96
CA GLN A 233 19.05 -8.81 -25.12
C GLN A 233 19.38 -9.50 -23.80
N ILE A 234 18.97 -10.75 -23.60
CA ILE A 234 19.51 -11.55 -22.50
C ILE A 234 20.99 -11.77 -22.74
N GLU A 235 21.82 -11.29 -21.81
CA GLU A 235 23.29 -11.33 -22.03
C GLU A 235 23.88 -12.72 -21.83
N ASN A 236 23.32 -13.58 -21.00
CA ASN A 236 23.81 -14.98 -20.97
C ASN A 236 22.65 -15.88 -21.44
N ASN A 237 22.36 -15.93 -22.74
CA ASN A 237 21.18 -16.69 -23.24
C ASN A 237 21.47 -18.18 -23.15
N CYS A 238 20.91 -18.81 -22.13
CA CYS A 238 21.20 -20.23 -21.92
C CYS A 238 20.00 -21.04 -22.41
N SER A 239 18.83 -20.43 -22.42
CA SER A 239 17.63 -21.24 -22.72
C SER A 239 17.38 -21.37 -24.21
N ALA A 240 17.39 -22.60 -24.68
CA ALA A 240 16.96 -22.81 -26.05
C ALA A 240 15.57 -22.24 -26.26
N MET A 241 14.72 -22.29 -25.23
CA MET A 241 13.41 -21.67 -25.30
C MET A 241 13.49 -20.15 -25.43
N CYS A 242 14.37 -19.50 -24.66
CA CYS A 242 14.48 -18.06 -24.78
C CYS A 242 15.12 -17.68 -26.11
N GLN A 243 16.18 -18.39 -26.48
CA GLN A 243 16.73 -18.30 -27.83
C GLN A 243 15.65 -18.45 -28.89
N LYS A 244 14.70 -19.38 -28.68
CA LYS A 244 13.62 -19.57 -29.65
C LYS A 244 12.76 -18.31 -29.77
N VAL A 245 12.39 -17.71 -28.64
CA VAL A 245 11.52 -16.53 -28.68
C VAL A 245 12.22 -15.34 -29.30
N ALA A 246 13.53 -15.22 -29.08
CA ALA A 246 14.28 -14.09 -29.62
C ALA A 246 14.26 -14.12 -31.15
N LYS A 247 14.34 -15.31 -31.74
CA LYS A 247 14.39 -15.42 -33.20
C LYS A 247 13.01 -15.62 -33.83
N MET A 248 11.96 -15.80 -33.03
CA MET A 248 10.65 -16.11 -33.59
C MET A 248 10.09 -14.93 -34.37
N LYS A 249 9.22 -15.25 -35.34
CA LYS A 249 8.54 -14.25 -36.14
C LYS A 249 7.17 -13.96 -35.54
N ALA A 250 6.85 -12.68 -35.36
CA ALA A 250 5.59 -12.30 -34.74
C ALA A 250 4.41 -12.67 -35.63
N PRO A 251 3.35 -13.25 -35.07
CA PRO A 251 2.12 -13.43 -35.84
C PRO A 251 1.58 -12.09 -36.29
N PRO A 252 0.98 -12.04 -37.47
CA PRO A 252 0.51 -10.74 -37.99
C PRO A 252 -0.65 -10.17 -37.19
N VAL A 253 -1.34 -10.99 -36.41
CA VAL A 253 -2.40 -10.57 -35.50
C VAL A 253 -2.07 -11.17 -34.15
N VAL A 254 -1.95 -10.32 -33.12
CA VAL A 254 -1.56 -10.73 -31.78
C VAL A 254 -2.80 -10.97 -30.94
N ARG A 255 -2.83 -12.11 -30.24
CA ARG A 255 -3.91 -12.48 -29.34
C ARG A 255 -3.29 -12.86 -28.00
N MET A 256 -4.10 -12.80 -26.93
CA MET A 256 -3.56 -13.05 -25.58
C MET A 256 -2.77 -14.36 -25.51
N THR A 257 -3.21 -15.38 -26.24
CA THR A 257 -2.57 -16.69 -26.16
C THR A 257 -1.13 -16.66 -26.66
N ASP A 258 -0.78 -15.72 -27.55
CA ASP A 258 0.64 -15.60 -27.93
C ASP A 258 1.50 -15.25 -26.72
N TYR A 259 0.98 -14.45 -25.79
CA TYR A 259 1.71 -14.24 -24.54
C TYR A 259 1.65 -15.50 -23.66
N THR A 260 0.48 -16.14 -23.58
CA THR A 260 0.38 -17.35 -22.77
C THR A 260 1.36 -18.41 -23.26
N ASN A 261 1.52 -18.55 -24.58
CA ASN A 261 2.42 -19.58 -25.13
C ASN A 261 3.85 -19.37 -24.69
N ILE A 262 4.29 -18.11 -24.59
CA ILE A 262 5.63 -17.82 -24.09
C ILE A 262 5.70 -18.07 -22.59
N GLN A 263 4.69 -17.57 -21.84
CA GLN A 263 4.68 -17.71 -20.39
C GLN A 263 4.76 -19.17 -19.94
N THR A 264 4.02 -20.08 -20.61
CA THR A 264 3.97 -21.48 -20.16
C THR A 264 5.34 -22.14 -20.12
N GLU A 265 6.32 -21.63 -20.87
CA GLU A 265 7.61 -22.29 -20.97
C GLU A 265 8.67 -21.61 -20.13
N LEU A 266 8.29 -20.59 -19.38
CA LEU A 266 9.24 -19.85 -18.55
C LEU A 266 9.15 -20.36 -17.12
N THR A 267 10.32 -20.40 -16.46
CA THR A 267 10.41 -20.75 -15.05
C THR A 267 9.89 -19.62 -14.17
N TRP A 268 9.02 -19.95 -13.21
CA TRP A 268 8.68 -19.01 -12.13
C TRP A 268 9.39 -19.49 -10.87
N ASP A 269 10.44 -18.76 -10.46
CA ASP A 269 11.25 -19.16 -9.31
C ASP A 269 11.63 -17.88 -8.56
N MET A 270 10.71 -17.41 -7.71
CA MET A 270 10.98 -16.23 -6.89
C MET A 270 12.04 -16.48 -5.84
N ASP A 271 12.37 -17.74 -5.55
CA ASP A 271 13.47 -18.00 -4.63
C ASP A 271 14.82 -17.66 -5.27
N ALA A 272 15.00 -18.00 -6.54
CA ALA A 272 16.22 -17.63 -7.24
C ALA A 272 16.34 -16.11 -7.35
N VAL A 273 15.23 -15.42 -7.58
CA VAL A 273 15.23 -13.96 -7.60
C VAL A 273 15.67 -13.43 -6.24
N MET A 274 14.99 -13.89 -5.18
CA MET A 274 15.26 -13.41 -3.81
C MET A 274 16.70 -13.66 -3.40
N ASN A 275 17.21 -14.86 -3.68
CA ASN A 275 18.56 -15.20 -3.23
C ASN A 275 19.61 -14.31 -3.85
N HIS A 276 19.45 -13.95 -5.12
CA HIS A 276 20.49 -13.21 -5.82
C HIS A 276 20.44 -11.71 -5.60
N PHE A 277 19.24 -11.14 -5.44
CA PHE A 277 19.09 -9.70 -5.25
C PHE A 277 19.02 -9.28 -3.79
N CYS A 278 18.70 -10.20 -2.89
CA CYS A 278 18.75 -9.96 -1.46
C CYS A 278 19.59 -11.03 -0.77
N HIS B 6 3.15 -15.67 6.98
CA HIS B 6 3.75 -15.88 8.30
C HIS B 6 3.96 -17.37 8.58
N PHE B 7 5.21 -17.84 8.47
CA PHE B 7 5.56 -19.23 8.90
C PHE B 7 5.35 -19.29 10.41
N GLN B 8 4.56 -20.24 10.89
CA GLN B 8 4.17 -20.24 12.33
C GLN B 8 5.41 -20.39 13.22
N SER B 9 6.34 -21.28 12.89
CA SER B 9 7.50 -21.47 13.80
C SER B 9 8.16 -20.14 14.13
N GLU B 10 8.36 -19.25 13.14
CA GLU B 10 9.11 -17.99 13.39
C GLU B 10 8.18 -16.98 14.08
N ILE B 11 6.93 -16.94 13.68
CA ILE B 11 5.94 -16.07 14.36
C ILE B 11 5.91 -16.48 15.83
N GLU B 12 6.00 -17.78 16.09
CA GLU B 12 5.94 -18.22 17.48
C GLU B 12 7.20 -17.83 18.22
N GLU B 13 8.37 -18.19 17.66
CA GLU B 13 9.64 -17.82 18.28
C GLU B 13 9.74 -16.30 18.47
N ASN B 14 9.25 -15.51 17.49
CA ASN B 14 9.37 -14.05 17.60
C ASN B 14 8.55 -13.50 18.75
N TYR B 15 7.32 -13.99 18.93
CA TYR B 15 6.43 -13.38 19.91
C TYR B 15 6.50 -14.02 21.28
N GLU B 16 7.04 -15.24 21.40
CA GLU B 16 7.36 -15.77 22.73
C GLU B 16 8.53 -15.01 23.36
N ALA B 17 9.39 -14.43 22.53
CA ALA B 17 10.59 -13.73 23.01
C ALA B 17 10.29 -12.31 23.42
N VAL B 18 9.07 -11.82 23.16
CA VAL B 18 8.72 -10.46 23.56
C VAL B 18 8.61 -10.39 25.07
N GLY B 19 9.15 -9.33 25.66
CA GLY B 19 9.23 -9.22 27.08
C GLY B 19 7.97 -8.73 27.76
N ASN B 20 6.88 -9.49 27.60
CA ASN B 20 5.65 -9.22 28.32
C ASN B 20 5.10 -10.54 28.82
N VAL B 21 4.65 -10.55 30.08
CA VAL B 21 4.17 -11.78 30.70
C VAL B 21 3.00 -12.35 29.91
N VAL B 22 3.02 -13.67 29.73
CA VAL B 22 1.87 -14.46 29.29
C VAL B 22 1.54 -15.47 30.39
N VAL B 23 0.33 -15.38 30.95
CA VAL B 23 -0.12 -16.26 32.04
C VAL B 23 -0.83 -17.48 31.46
N ASP B 24 -0.30 -18.67 31.72
CA ASP B 24 -0.91 -19.94 31.30
C ASP B 24 -2.14 -20.28 32.17
N LEU B 25 -3.29 -20.50 31.55
CA LEU B 25 -4.53 -20.86 32.26
C LEU B 25 -4.67 -22.39 32.37
N MET B 26 -5.20 -22.86 33.49
CA MET B 26 -5.31 -24.31 33.74
C MET B 26 -6.67 -24.77 33.27
N GLY B 27 -6.75 -26.03 32.85
CA GLY B 27 -8.04 -26.55 32.41
C GLY B 27 -9.12 -26.21 33.38
N GLY B 28 -10.26 -25.79 32.89
CA GLY B 28 -11.38 -25.43 33.77
C GLY B 28 -11.34 -23.97 34.14
N CYS B 29 -10.23 -23.34 33.87
CA CYS B 29 -10.06 -21.92 34.30
C CYS B 29 -9.97 -20.97 33.10
N GLU B 30 -10.79 -21.19 32.08
CA GLU B 30 -10.83 -20.30 30.91
C GLU B 30 -12.20 -19.67 30.88
N PRO B 31 -12.40 -18.49 31.48
CA PRO B 31 -13.70 -17.87 31.57
C PRO B 31 -14.30 -17.58 30.20
N THR B 32 -15.62 -17.53 30.22
CA THR B 32 -16.40 -17.11 29.05
C THR B 32 -16.75 -15.68 29.40
N LEU B 33 -16.05 -14.74 28.83
CA LEU B 33 -16.23 -13.33 29.19
C LEU B 33 -17.68 -12.88 29.10
N ARG B 34 -18.12 -12.11 30.08
CA ARG B 34 -19.45 -11.50 30.05
C ARG B 34 -19.44 -10.31 31.02
N VAL B 35 -20.52 -9.54 31.03
CA VAL B 35 -20.61 -8.42 31.99
C VAL B 35 -20.80 -9.02 33.39
N GLY B 36 -20.05 -8.51 34.36
CA GLY B 36 -20.03 -9.05 35.71
C GLY B 36 -18.63 -9.39 36.08
N ARG B 37 -18.45 -10.30 37.02
CA ARG B 37 -17.12 -10.63 37.53
C ARG B 37 -16.46 -11.69 36.67
N VAL B 38 -15.20 -11.47 36.34
CA VAL B 38 -14.40 -12.42 35.59
C VAL B 38 -13.05 -12.59 36.25
N GLN B 39 -12.57 -13.81 36.35
CA GLN B 39 -11.24 -14.04 36.93
C GLN B 39 -10.35 -14.71 35.91
N LEU B 40 -9.24 -14.05 35.62
CA LEU B 40 -8.26 -14.60 34.67
C LEU B 40 -6.97 -14.81 35.41
N GLY B 41 -6.52 -16.05 35.51
CA GLY B 41 -5.33 -16.33 36.32
C GLY B 41 -5.64 -15.97 37.77
N ASN B 42 -4.82 -15.15 38.38
CA ASN B 42 -5.09 -14.70 39.76
C ASN B 42 -5.66 -13.29 39.70
N ASP B 43 -6.12 -12.85 38.53
CA ASP B 43 -6.52 -11.44 38.38
C ASP B 43 -8.03 -11.38 38.28
N ILE B 44 -8.64 -10.48 39.02
CA ILE B 44 -10.09 -10.36 39.03
C ILE B 44 -10.47 -9.00 38.47
N PHE B 45 -11.41 -8.99 37.51
CA PHE B 45 -11.93 -7.77 36.92
C PHE B 45 -13.44 -7.73 37.05
N THR B 46 -13.97 -6.52 37.15
CA THR B 46 -15.42 -6.27 37.11
C THR B 46 -15.74 -5.67 35.74
N LEU B 47 -16.20 -6.50 34.82
CA LEU B 47 -16.52 -6.03 33.49
C LEU B 47 -17.89 -5.38 33.49
N ARG B 48 -17.95 -4.13 33.02
CA ARG B 48 -19.17 -3.36 33.13
C ARG B 48 -19.89 -3.20 31.81
N GLU B 49 -19.17 -3.20 30.70
CA GLU B 49 -19.77 -2.88 29.42
C GLU B 49 -19.28 -3.89 28.38
N GLU B 50 -20.21 -4.39 27.57
CA GLU B 50 -19.86 -5.26 26.45
C GLU B 50 -19.84 -4.43 25.18
N ILE B 51 -18.75 -4.52 24.43
CA ILE B 51 -18.62 -3.79 23.17
C ILE B 51 -18.79 -4.76 22.02
N ARG B 52 -19.70 -4.44 21.10
CA ARG B 52 -20.02 -5.24 19.92
C ARG B 52 -19.24 -4.66 18.75
N ALA B 53 -18.07 -5.23 18.46
CA ALA B 53 -17.29 -4.84 17.28
C ALA B 53 -17.86 -5.61 16.10
N THR B 54 -18.99 -5.11 15.57
CA THR B 54 -19.78 -5.89 14.62
C THR B 54 -19.03 -6.18 13.33
N GLU B 55 -18.18 -5.24 12.87
CA GLU B 55 -17.46 -5.45 11.62
C GLU B 55 -16.43 -6.59 11.74
N LEU B 56 -15.86 -6.76 12.94
CA LEU B 56 -14.92 -7.85 13.19
C LEU B 56 -15.59 -9.12 13.69
N LYS B 57 -16.89 -9.07 13.99
CA LYS B 57 -17.62 -10.20 14.55
C LYS B 57 -17.00 -10.66 15.87
N ARG B 58 -16.63 -9.70 16.72
CA ARG B 58 -15.99 -9.96 17.99
C ARG B 58 -16.70 -9.15 19.06
N VAL B 59 -16.46 -9.50 20.31
CA VAL B 59 -16.89 -8.66 21.42
C VAL B 59 -15.67 -8.29 22.27
N LEU B 60 -15.78 -7.15 22.94
CA LEU B 60 -14.81 -6.62 23.89
C LEU B 60 -15.54 -6.18 25.15
N TYR B 61 -14.77 -6.00 26.23
CA TYR B 61 -15.32 -5.56 27.51
C TYR B 61 -14.48 -4.45 28.11
N VAL B 62 -15.14 -3.46 28.71
CA VAL B 62 -14.50 -2.41 29.51
C VAL B 62 -14.97 -2.54 30.95
N GLY B 63 -14.06 -2.43 31.88
CA GLY B 63 -14.39 -2.51 33.29
C GLY B 63 -13.32 -1.88 34.16
N THR B 64 -13.18 -2.43 35.38
CA THR B 64 -12.20 -1.96 36.37
C THR B 64 -11.59 -3.16 37.08
N THR B 65 -10.39 -2.97 37.59
CA THR B 65 -9.73 -4.02 38.35
C THR B 65 -10.33 -4.12 39.75
N GLU B 66 -10.40 -5.34 40.25
CA GLU B 66 -10.95 -5.58 41.58
C GLU B 66 -10.08 -4.90 42.63
N GLY B 67 -10.72 -4.26 43.60
CA GLY B 67 -9.97 -3.76 44.75
C GLY B 67 -9.53 -2.32 44.56
N ASP B 68 -8.35 -2.11 43.96
CA ASP B 68 -8.06 -0.81 43.37
C ASP B 68 -8.81 -0.77 42.06
N GLU B 69 -9.48 0.33 41.79
CA GLU B 69 -10.50 0.25 40.75
C GLU B 69 -9.99 1.02 39.53
N PHE B 70 -8.96 0.45 38.86
CA PHE B 70 -8.28 0.98 37.66
C PHE B 70 -9.01 0.58 36.37
N PRO B 71 -9.14 1.48 35.41
CA PRO B 71 -9.84 1.13 34.16
C PRO B 71 -9.11 0.02 33.42
N VAL B 72 -9.90 -0.88 32.82
CA VAL B 72 -9.33 -2.03 32.13
C VAL B 72 -10.14 -2.33 30.87
N VAL B 73 -9.46 -2.85 29.85
CA VAL B 73 -10.13 -3.41 28.67
C VAL B 73 -9.73 -4.88 28.55
N VAL B 74 -10.72 -5.75 28.31
CA VAL B 74 -10.54 -7.19 28.30
C VAL B 74 -11.29 -7.77 27.10
N TYR B 75 -10.65 -8.71 26.39
CA TYR B 75 -11.25 -9.38 25.25
C TYR B 75 -10.54 -10.70 24.97
N ALA B 76 -11.27 -11.62 24.33
CA ALA B 76 -10.69 -12.88 23.85
C ALA B 76 -9.99 -12.66 22.50
N TRP B 77 -8.89 -13.39 22.30
CA TRP B 77 -8.19 -13.49 21.03
C TRP B 77 -9.04 -14.26 20.00
N THR B 78 -8.68 -14.12 18.72
CA THR B 78 -9.30 -14.96 17.70
C THR B 78 -9.06 -16.44 17.98
N ASN B 79 -7.84 -16.80 18.37
CA ASN B 79 -7.51 -18.16 18.79
C ASN B 79 -6.26 -18.09 19.66
N GLY B 80 -6.01 -19.19 20.36
CA GLY B 80 -4.91 -19.27 21.31
C GLY B 80 -3.52 -19.15 20.69
N ASN B 81 -3.41 -19.19 19.38
CA ASN B 81 -2.10 -19.09 18.74
C ASN B 81 -1.89 -17.78 18.00
N SER B 82 -2.74 -16.78 18.20
CA SER B 82 -2.56 -15.50 17.51
C SER B 82 -1.54 -14.60 18.20
N TYR B 83 -1.06 -14.99 19.38
CA TYR B 83 -0.10 -14.18 20.17
C TYR B 83 -0.55 -12.73 20.28
N GLU B 84 -1.86 -12.53 20.47
CA GLU B 84 -2.38 -11.17 20.39
C GLU B 84 -1.74 -10.25 21.42
N SER B 85 -1.56 -10.72 22.66
CA SER B 85 -1.04 -9.81 23.67
C SER B 85 0.40 -9.40 23.39
N ALA B 86 1.21 -10.30 22.84
CA ALA B 86 2.58 -9.92 22.50
C ALA B 86 2.60 -8.92 21.35
N LYS B 87 1.72 -9.09 20.36
CA LYS B 87 1.65 -8.14 19.24
C LYS B 87 1.16 -6.78 19.74
N ALA B 88 0.26 -6.79 20.71
CA ALA B 88 -0.20 -5.53 21.30
C ALA B 88 0.91 -4.86 22.09
N PHE B 89 1.74 -5.64 22.78
CA PHE B 89 2.79 -5.04 23.56
C PHE B 89 3.83 -4.36 22.68
N VAL B 90 4.31 -5.07 21.64
CA VAL B 90 5.23 -4.46 20.68
C VAL B 90 4.71 -3.13 20.17
N ALA B 91 3.43 -3.12 19.74
CA ALA B 91 2.82 -1.89 19.26
C ALA B 91 2.90 -0.78 20.32
N SER B 92 2.59 -1.13 21.57
CA SER B 92 2.49 -0.16 22.65
C SER B 92 3.83 0.49 22.95
N GLN B 93 4.93 -0.20 22.63
CA GLN B 93 6.26 0.33 22.88
C GLN B 93 6.55 1.62 22.11
N GLY B 94 5.83 1.87 21.02
CA GLY B 94 6.06 3.04 20.19
C GLY B 94 4.96 4.07 20.26
N LEU B 95 4.00 3.93 21.16
CA LEU B 95 2.96 4.92 21.36
C LEU B 95 3.07 5.55 22.75
N ASN B 96 2.56 6.78 22.85
CA ASN B 96 2.56 7.52 24.10
C ASN B 96 1.20 7.29 24.74
N VAL B 97 1.07 6.15 25.40
CA VAL B 97 -0.15 5.78 26.11
C VAL B 97 0.24 4.89 27.28
N PRO B 98 -0.19 5.22 28.52
CA PRO B 98 0.19 4.39 29.66
C PRO B 98 -0.76 3.21 29.77
N CYS B 99 -0.29 2.03 29.39
CA CYS B 99 -1.14 0.85 29.45
C CYS B 99 -0.29 -0.36 29.82
N ARG B 100 -0.83 -1.18 30.71
CA ARG B 100 -0.20 -2.38 31.19
C ARG B 100 -0.95 -3.59 30.63
N ILE B 101 -0.27 -4.43 29.86
CA ILE B 101 -0.89 -5.47 29.06
C ILE B 101 -0.53 -6.84 29.64
N VAL B 102 -1.53 -7.66 29.88
CA VAL B 102 -1.32 -9.04 30.30
C VAL B 102 -2.06 -9.98 29.35
N GLY B 103 -1.37 -11.00 28.86
CA GLY B 103 -1.98 -12.04 28.05
C GLY B 103 -2.17 -13.29 28.89
N TYR B 104 -3.28 -14.00 28.64
CA TYR B 104 -3.59 -15.25 29.32
C TYR B 104 -3.90 -16.30 28.27
N ARG B 105 -3.25 -17.46 28.36
CA ARG B 105 -3.37 -18.50 27.34
C ARG B 105 -3.72 -19.82 28.00
N SER B 106 -4.68 -20.54 27.43
CA SER B 106 -5.07 -21.82 28.04
C SER B 106 -3.94 -22.83 27.89
N TYR B 107 -3.95 -23.85 28.76
CA TYR B 107 -2.89 -24.87 28.74
C TYR B 107 -2.81 -25.56 27.39
N ASP B 108 -3.95 -25.78 26.74
CA ASP B 108 -3.97 -26.47 25.46
C ASP B 108 -3.79 -25.51 24.28
N LYS B 109 -3.32 -24.29 24.53
CA LYS B 109 -3.04 -23.30 23.49
C LYS B 109 -4.27 -22.95 22.67
N MET B 110 -5.46 -23.32 23.12
CA MET B 110 -6.65 -23.15 22.29
C MET B 110 -7.29 -21.78 22.44
N SER B 111 -7.30 -21.20 23.64
CA SER B 111 -7.95 -19.92 23.85
C SER B 111 -6.96 -18.91 24.43
N GLY B 112 -7.29 -17.64 24.28
CA GLY B 112 -6.41 -16.57 24.69
C GLY B 112 -7.20 -15.33 25.00
N TYR B 113 -6.60 -14.49 25.84
CA TYR B 113 -7.26 -13.32 26.39
C TYR B 113 -6.22 -12.23 26.62
N THR B 114 -6.65 -10.99 26.53
CA THR B 114 -5.81 -9.84 26.83
C THR B 114 -6.52 -8.96 27.82
N ALA B 115 -5.79 -8.54 28.84
CA ALA B 115 -6.22 -7.48 29.74
C ALA B 115 -5.25 -6.31 29.59
N ILE B 116 -5.81 -5.11 29.46
CA ILE B 116 -5.01 -3.89 29.35
C ILE B 116 -5.48 -2.95 30.45
N ILE B 117 -4.58 -2.59 31.36
CA ILE B 117 -4.90 -1.75 32.50
C ILE B 117 -4.34 -0.36 32.23
N PHE B 118 -5.18 0.65 32.39
CA PHE B 118 -4.83 2.07 32.30
C PHE B 118 -4.69 2.70 33.70
N PRO B 119 -4.06 3.91 33.81
CA PRO B 119 -4.07 4.60 35.10
C PRO B 119 -5.48 5.09 35.41
N GLN B 120 -5.67 5.70 36.56
CA GLN B 120 -7.02 5.96 37.08
C GLN B 120 -7.66 7.19 36.42
N GLY B 121 -7.82 7.11 35.11
CA GLY B 121 -8.57 8.13 34.40
C GLY B 121 -9.86 7.60 33.83
N HIS B 122 -10.13 7.92 32.57
CA HIS B 122 -11.33 7.48 31.86
C HIS B 122 -10.93 6.85 30.53
N VAL B 123 -11.63 5.80 30.14
CA VAL B 123 -11.37 5.08 28.91
C VAL B 123 -12.66 5.02 28.11
N TYR B 124 -12.62 5.49 26.86
CA TYR B 124 -13.77 5.50 25.98
C TYR B 124 -13.39 4.89 24.64
N SER B 125 -14.33 4.17 24.05
CA SER B 125 -14.11 3.69 22.69
C SER B 125 -14.17 4.87 21.72
N LEU B 126 -13.51 4.72 20.58
CA LEU B 126 -13.65 5.75 19.55
C LEU B 126 -15.10 5.88 19.12
N ARG B 127 -15.82 4.74 19.05
CA ARG B 127 -17.25 4.74 18.70
C ARG B 127 -18.04 5.72 19.55
N THR B 128 -17.65 5.88 20.80
CA THR B 128 -18.35 6.82 21.71
C THR B 128 -18.21 8.26 21.19
N PHE B 129 -17.06 8.60 20.61
CA PHE B 129 -16.82 9.98 20.12
C PHE B 129 -17.57 10.28 18.81
N LEU B 130 -17.96 9.25 18.06
CA LEU B 130 -18.73 9.46 16.81
C LEU B 130 -20.21 9.31 17.13
N GLN B 131 -20.53 9.16 18.39
CA GLN B 131 -21.90 8.74 18.77
C GLN B 131 -22.95 9.82 18.87
N ARG B 132 -23.92 9.54 19.75
CA ARG B 132 -25.13 10.39 19.87
C ARG B 132 -24.86 11.72 20.55
N SER B 133 -24.93 12.78 19.77
CA SER B 133 -24.84 14.17 20.28
C SER B 133 -23.47 14.52 20.86
N VAL B 134 -22.41 13.85 20.41
CA VAL B 134 -21.07 14.33 20.80
C VAL B 134 -20.88 15.63 20.00
N PRO B 135 -20.42 16.76 20.57
CA PRO B 135 -20.19 17.96 19.78
C PRO B 135 -19.20 17.69 18.66
N THR B 136 -19.38 18.39 17.55
CA THR B 136 -18.56 18.10 16.37
C THR B 136 -17.09 18.31 16.67
N ARG B 137 -16.79 19.34 17.48
CA ARG B 137 -15.39 19.63 17.77
C ARG B 137 -14.78 18.53 18.63
N ALA B 138 -15.57 17.89 19.50
CA ALA B 138 -15.07 16.76 20.27
C ALA B 138 -14.79 15.57 19.36
N THR B 139 -15.73 15.25 18.47
CA THR B 139 -15.49 14.18 17.51
C THR B 139 -14.20 14.40 16.72
N GLU B 140 -14.02 15.62 16.15
CA GLU B 140 -12.81 15.90 15.38
C GLU B 140 -11.56 15.73 16.22
N THR B 141 -11.63 16.05 17.52
CA THR B 141 -10.46 15.94 18.39
C THR B 141 -10.01 14.49 18.53
N ALA B 142 -10.95 13.59 18.84
CA ALA B 142 -10.60 12.18 18.87
C ALA B 142 -9.94 11.74 17.56
N LEU B 143 -10.55 12.08 16.43
CA LEU B 143 -9.99 11.66 15.13
C LEU B 143 -8.66 12.32 14.84
N TYR B 144 -8.44 13.53 15.36
CA TYR B 144 -7.14 14.19 15.28
C TYR B 144 -6.04 13.35 15.93
N TYR B 145 -6.30 12.86 17.14
CA TYR B 145 -5.35 11.98 17.82
C TYR B 145 -5.20 10.64 17.10
N VAL B 146 -6.29 10.05 16.62
CA VAL B 146 -6.19 8.79 15.87
C VAL B 146 -5.26 8.97 14.66
N ALA B 147 -5.36 10.11 13.98
CA ALA B 147 -4.44 10.39 12.87
C ALA B 147 -2.98 10.30 13.32
N GLU B 148 -2.64 10.93 14.47
CA GLU B 148 -1.27 10.85 14.97
C GLU B 148 -0.84 9.40 15.25
N THR B 149 -1.65 8.65 15.98
CA THR B 149 -1.20 7.29 16.28
C THR B 149 -1.13 6.45 15.00
N LEU B 150 -2.06 6.62 14.06
CA LEU B 150 -1.97 5.84 12.82
C LEU B 150 -0.78 6.27 11.96
N ARG B 151 -0.43 7.57 11.95
CA ARG B 151 0.78 7.99 11.22
C ARG B 151 2.02 7.37 11.83
N SER B 152 2.05 7.26 13.17
CA SER B 152 3.19 6.67 13.85
C SER B 152 3.33 5.17 13.51
N LEU B 153 2.21 4.44 13.47
CA LEU B 153 2.27 3.04 13.02
C LEU B 153 2.76 2.96 11.58
N CYS B 154 2.37 3.94 10.77
CA CYS B 154 2.82 3.92 9.39
C CYS B 154 4.34 3.99 9.29
N THR B 155 4.95 4.90 10.07
CA THR B 155 6.40 5.01 10.06
C THR B 155 7.08 3.75 10.58
N ARG B 156 6.49 3.11 11.60
CA ARG B 156 7.09 1.92 12.18
C ARG B 156 6.88 0.67 11.33
N ARG B 157 6.05 0.76 10.27
CA ARG B 157 5.76 -0.37 9.38
C ARG B 157 5.08 -1.50 10.15
N ILE B 158 4.14 -1.10 11.00
CA ILE B 158 3.24 -2.01 11.69
C ILE B 158 1.86 -1.73 11.12
N ILE B 159 1.26 -2.74 10.53
CA ILE B 159 -0.05 -2.60 9.92
C ILE B 159 -1.02 -3.38 10.79
N HIS B 160 -2.08 -2.72 11.25
CA HIS B 160 -2.97 -3.32 12.24
C HIS B 160 -3.92 -4.34 11.60
N CYS B 161 -4.58 -3.95 10.52
CA CYS B 161 -5.40 -4.78 9.65
C CYS B 161 -6.83 -5.02 10.16
N ALA B 162 -7.19 -4.58 11.36
CA ALA B 162 -8.57 -4.75 11.83
C ALA B 162 -9.05 -3.55 12.68
N LEU B 163 -8.81 -2.32 12.18
CA LEU B 163 -9.20 -1.11 12.90
C LEU B 163 -10.66 -0.76 12.65
N THR B 164 -11.44 -0.61 13.71
CA THR B 164 -12.80 -0.08 13.70
C THR B 164 -12.97 0.83 14.91
N PRO B 165 -14.00 1.70 14.89
CA PRO B 165 -14.26 2.55 16.07
C PRO B 165 -14.56 1.78 17.35
N ASP B 166 -14.91 0.51 17.25
CA ASP B 166 -15.21 -0.32 18.40
C ASP B 166 -14.00 -0.96 19.03
N ASN B 167 -12.82 -0.90 18.40
CA ASN B 167 -11.64 -1.50 19.00
C ASN B 167 -10.47 -0.53 18.99
N VAL B 168 -10.78 0.77 18.98
CA VAL B 168 -9.82 1.83 19.25
C VAL B 168 -10.30 2.55 20.49
N PHE B 169 -9.43 2.65 21.50
CA PHE B 169 -9.82 3.22 22.79
C PHE B 169 -9.04 4.50 23.10
N MET B 170 -9.76 5.49 23.66
CA MET B 170 -9.20 6.80 23.98
C MET B 170 -9.07 6.95 25.49
N TYR B 171 -7.83 7.11 25.98
CA TYR B 171 -7.59 7.26 27.41
C TYR B 171 -7.49 8.74 27.77
N MET B 172 -8.34 9.17 28.69
CA MET B 172 -8.36 10.54 29.20
C MET B 172 -7.92 10.52 30.65
N ASP B 173 -6.81 11.20 30.96
CA ASP B 173 -6.40 11.15 32.36
C ASP B 173 -7.36 12.00 33.20
N SER B 174 -7.19 11.92 34.52
CA SER B 174 -8.10 12.58 35.43
C SER B 174 -8.13 14.10 35.29
N THR B 175 -7.17 14.72 34.59
CA THR B 175 -7.19 16.16 34.42
C THR B 175 -8.02 16.61 33.24
N GLY B 176 -8.22 15.74 32.24
CA GLY B 176 -8.90 16.12 31.01
C GLY B 176 -8.07 16.93 30.03
N ALA B 177 -6.74 16.83 30.10
CA ALA B 177 -5.92 17.67 29.22
C ALA B 177 -5.74 17.08 27.83
N SER B 178 -5.84 15.75 27.67
CA SER B 178 -5.51 15.11 26.41
C SER B 178 -6.20 13.76 26.30
N LEU B 179 -6.20 13.22 25.07
CA LEU B 179 -6.58 11.85 24.81
C LEU B 179 -5.32 11.10 24.38
N LYS B 180 -5.14 9.89 24.89
CA LYS B 180 -4.08 9.01 24.44
C LYS B 180 -4.74 7.74 23.90
N THR B 181 -4.41 7.40 22.65
CA THR B 181 -5.14 6.43 21.85
C THR B 181 -4.43 5.09 21.88
N PHE B 182 -5.19 4.00 22.10
CA PHE B 182 -4.60 2.69 21.91
C PHE B 182 -5.54 1.75 21.15
N PRO B 183 -5.20 1.39 19.92
CA PRO B 183 -5.93 0.32 19.25
C PRO B 183 -5.65 -1.02 19.92
N VAL B 184 -6.64 -1.90 19.88
CA VAL B 184 -6.57 -3.23 20.47
C VAL B 184 -7.04 -4.22 19.41
N CYS B 185 -7.04 -5.52 19.76
CA CYS B 185 -7.38 -6.60 18.82
C CYS B 185 -6.32 -6.69 17.73
N TRP B 186 -5.07 -7.02 18.12
CA TRP B 186 -3.91 -7.05 17.24
C TRP B 186 -3.65 -8.44 16.62
N ASP B 187 -4.66 -9.32 16.58
CA ASP B 187 -4.41 -10.73 16.29
C ASP B 187 -3.80 -10.94 14.89
N ASP B 188 -4.18 -10.11 13.93
CA ASP B 188 -3.76 -10.27 12.55
C ASP B 188 -2.73 -9.24 12.10
N CYS B 189 -2.11 -8.52 13.03
CA CYS B 189 -1.32 -7.37 12.62
C CYS B 189 0.01 -7.79 11.99
N VAL B 190 0.53 -6.93 11.12
CA VAL B 190 1.70 -7.23 10.30
C VAL B 190 2.85 -6.35 10.72
N ASP B 191 3.92 -6.98 11.18
CA ASP B 191 5.15 -6.27 11.55
C ASP B 191 6.14 -6.46 10.40
N ALA B 192 6.06 -5.55 9.42
CA ALA B 192 6.77 -5.76 8.16
C ALA B 192 8.28 -5.92 8.37
N ALA B 193 8.86 -5.11 9.28
CA ALA B 193 10.28 -5.26 9.60
C ALA B 193 10.60 -6.64 10.16
N MET B 194 9.76 -7.14 11.07
CA MET B 194 9.97 -8.45 11.65
C MET B 194 9.95 -9.53 10.59
N PHE B 195 8.90 -9.53 9.76
CA PHE B 195 8.85 -10.40 8.57
C PHE B 195 10.16 -10.41 7.81
N SER B 196 10.62 -9.23 7.37
CA SER B 196 11.77 -9.17 6.47
C SER B 196 13.04 -9.69 7.13
N GLU B 197 13.26 -9.35 8.41
CA GLU B 197 14.48 -9.79 9.09
C GLU B 197 14.48 -11.30 9.32
N ARG B 198 13.30 -11.90 9.47
CA ARG B 198 13.22 -13.35 9.65
C ARG B 198 12.98 -14.10 8.34
N GLY B 199 12.85 -13.39 7.21
CA GLY B 199 12.67 -14.04 5.92
C GLY B 199 11.31 -14.67 5.70
N LEU B 200 10.24 -13.98 6.09
CA LEU B 200 8.88 -14.52 6.11
C LEU B 200 8.06 -13.96 4.95
N LYS B 201 7.40 -14.84 4.19
CA LYS B 201 6.42 -14.44 3.20
C LYS B 201 5.02 -14.84 3.66
N PHE B 202 4.01 -14.13 3.14
CA PHE B 202 2.62 -14.45 3.46
C PHE B 202 2.24 -15.85 2.94
N VAL B 203 1.43 -16.57 3.72
CA VAL B 203 0.96 -17.89 3.32
C VAL B 203 -0.55 -17.86 3.04
N PRO B 204 -1.06 -18.68 2.11
CA PRO B 204 -2.44 -18.48 1.62
C PRO B 204 -3.52 -18.60 2.70
N SER B 205 -3.32 -19.40 3.76
CA SER B 205 -4.32 -19.63 4.78
C SER B 205 -4.38 -18.56 5.86
N LEU B 206 -3.61 -17.47 5.76
CA LEU B 206 -3.67 -16.44 6.78
C LEU B 206 -5.04 -15.79 6.79
N PRO B 207 -5.69 -15.67 7.95
CA PRO B 207 -6.98 -14.95 8.02
C PRO B 207 -6.94 -13.55 7.42
N VAL B 208 -5.81 -12.85 7.52
CA VAL B 208 -5.78 -11.48 7.00
C VAL B 208 -5.86 -11.47 5.49
N LEU B 209 -5.21 -12.44 4.82
CA LEU B 209 -5.28 -12.47 3.37
C LEU B 209 -6.68 -12.91 2.92
N MET B 210 -7.30 -13.85 3.64
CA MET B 210 -8.67 -14.23 3.31
C MET B 210 -9.67 -13.13 3.64
N ARG B 211 -9.48 -12.43 4.76
CA ARG B 211 -10.47 -11.42 5.16
C ARG B 211 -10.47 -10.27 4.15
N HIS B 212 -9.31 -9.74 3.84
CA HIS B 212 -9.17 -8.87 2.69
C HIS B 212 -9.05 -9.82 1.49
N ALA B 213 -8.73 -9.34 0.29
CA ALA B 213 -8.55 -10.27 -0.83
C ALA B 213 -7.26 -9.85 -1.51
N VAL B 214 -6.11 -10.35 -1.06
CA VAL B 214 -4.91 -9.54 -1.25
C VAL B 214 -3.64 -10.24 -1.72
N LYS B 215 -3.34 -11.43 -1.17
CA LYS B 215 -2.08 -12.14 -1.40
C LYS B 215 -0.89 -11.52 -0.63
N GLU B 216 -1.00 -10.25 -0.21
CA GLU B 216 0.02 -9.65 0.66
C GLU B 216 -0.56 -8.42 1.33
N ILE B 217 0.09 -8.05 2.43
CA ILE B 217 -0.17 -6.82 3.15
C ILE B 217 1.11 -6.00 3.06
N ASP B 218 1.11 -4.99 2.19
CA ASP B 218 2.32 -4.24 1.80
C ASP B 218 2.00 -2.77 1.96
N GLY B 219 2.57 -2.14 3.00
CA GLY B 219 2.26 -0.77 3.35
C GLY B 219 0.96 -0.67 4.15
N SER B 220 0.65 0.57 4.52
CA SER B 220 -0.41 0.86 5.48
C SER B 220 -1.73 1.17 4.79
N TYR B 221 -1.84 0.84 3.50
CA TYR B 221 -3.06 1.12 2.75
C TYR B 221 -4.29 0.62 3.47
N ILE B 222 -4.29 -0.65 3.88
CA ILE B 222 -5.44 -1.25 4.54
C ILE B 222 -5.84 -0.42 5.78
N ASP B 223 -4.86 0.02 6.57
CA ASP B 223 -5.21 0.83 7.75
C ASP B 223 -5.75 2.20 7.34
N PHE B 224 -5.19 2.82 6.29
CA PHE B 224 -5.67 4.13 5.88
C PHE B 224 -7.12 4.08 5.44
N VAL B 225 -7.50 3.04 4.68
CA VAL B 225 -8.89 2.83 4.31
C VAL B 225 -9.77 2.66 5.54
N SER B 226 -9.33 1.84 6.50
CA SER B 226 -10.03 1.73 7.79
C SER B 226 -10.24 3.12 8.40
N PHE B 227 -9.20 3.94 8.44
CA PHE B 227 -9.30 5.28 9.01
C PHE B 227 -10.40 6.08 8.31
N CYS B 228 -10.42 6.05 6.96
CA CYS B 228 -11.42 6.82 6.24
C CYS B 228 -12.84 6.32 6.52
N ARG B 229 -13.01 5.01 6.69
CA ARG B 229 -14.33 4.47 7.00
C ARG B 229 -14.86 4.98 8.33
N MET B 230 -13.98 5.23 9.30
CA MET B 230 -14.41 5.80 10.58
C MET B 230 -15.10 7.15 10.40
N PHE B 231 -14.67 7.93 9.39
CA PHE B 231 -15.34 9.21 9.11
C PHE B 231 -16.74 8.99 8.57
N ARG B 232 -16.92 7.91 7.79
CA ARG B 232 -18.25 7.55 7.29
C ARG B 232 -19.20 7.21 8.43
N GLN B 233 -18.69 6.75 9.55
CA GLN B 233 -19.50 6.33 10.67
C GLN B 233 -19.70 7.44 11.70
N ILE B 234 -19.36 8.68 11.33
CA ILE B 234 -19.72 9.84 12.18
C ILE B 234 -21.23 9.96 12.03
N GLU B 235 -21.95 9.92 13.14
CA GLU B 235 -23.42 9.88 13.08
C GLU B 235 -24.03 11.23 12.68
N ASN B 236 -23.39 12.33 13.02
CA ASN B 236 -23.93 13.61 12.49
C ASN B 236 -22.78 14.23 11.71
N ASN B 237 -22.68 13.89 10.41
CA ASN B 237 -21.52 14.36 9.61
C ASN B 237 -21.75 15.82 9.23
N CYS B 238 -21.30 16.72 10.10
CA CYS B 238 -21.44 18.17 9.88
C CYS B 238 -20.16 18.73 9.25
N SER B 239 -19.00 18.11 9.51
CA SER B 239 -17.78 18.74 9.03
C SER B 239 -17.65 18.53 7.53
N ALA B 240 -17.57 19.63 6.78
CA ALA B 240 -17.27 19.54 5.36
C ALA B 240 -15.99 18.76 5.11
N MET B 241 -14.99 18.93 5.99
CA MET B 241 -13.75 18.17 5.89
C MET B 241 -13.96 16.69 6.17
N CYS B 242 -14.80 16.36 7.16
CA CYS B 242 -15.01 14.95 7.49
C CYS B 242 -15.83 14.25 6.40
N GLN B 243 -16.87 14.90 5.90
CA GLN B 243 -17.56 14.44 4.69
C GLN B 243 -16.58 14.18 3.55
N LYS B 244 -15.61 15.07 3.37
CA LYS B 244 -14.62 14.91 2.30
C LYS B 244 -13.76 13.67 2.52
N VAL B 245 -13.31 13.46 3.77
CA VAL B 245 -12.47 12.31 4.09
C VAL B 245 -13.25 11.01 3.95
N ALA B 246 -14.54 11.04 4.26
CA ALA B 246 -15.35 9.83 4.17
C ALA B 246 -15.48 9.35 2.72
N LYS B 247 -15.56 10.27 1.77
CA LYS B 247 -15.75 9.95 0.35
C LYS B 247 -14.47 9.84 -0.45
N MET B 248 -13.32 10.18 0.12
CA MET B 248 -12.07 10.21 -0.62
C MET B 248 -11.63 8.80 -1.01
N LYS B 249 -10.83 8.72 -2.07
CA LYS B 249 -10.23 7.46 -2.49
C LYS B 249 -8.83 7.39 -1.91
N ALA B 250 -8.51 6.28 -1.26
CA ALA B 250 -7.20 6.14 -0.67
C ALA B 250 -6.13 6.08 -1.76
N PRO B 251 -5.03 6.80 -1.60
CA PRO B 251 -3.91 6.64 -2.52
C PRO B 251 -3.40 5.21 -2.49
N PRO B 252 -3.00 4.67 -3.63
CA PRO B 252 -2.55 3.27 -3.65
C PRO B 252 -1.29 3.04 -2.83
N VAL B 253 -0.57 4.10 -2.50
CA VAL B 253 0.62 4.02 -1.65
C VAL B 253 0.42 5.03 -0.54
N VAL B 254 0.43 4.56 0.72
CA VAL B 254 0.18 5.41 1.88
C VAL B 254 1.51 5.87 2.45
N ARG B 255 1.60 7.18 2.71
CA ARG B 255 2.75 7.82 3.31
C ARG B 255 2.27 8.65 4.49
N MET B 256 3.18 8.98 5.41
CA MET B 256 2.79 9.70 6.63
C MET B 256 1.97 10.93 6.29
N THR B 257 2.32 11.58 5.18
CA THR B 257 1.70 12.85 4.79
C THR B 257 0.20 12.71 4.58
N ASP B 258 -0.27 11.54 4.15
CA ASP B 258 -1.70 11.37 3.97
C ASP B 258 -2.45 11.49 5.29
N TYR B 259 -1.83 11.04 6.37
CA TYR B 259 -2.41 11.27 7.69
C TYR B 259 -2.25 12.72 8.11
N THR B 260 -1.09 13.32 7.87
CA THR B 260 -0.90 14.73 8.20
C THR B 260 -1.91 15.60 7.47
N ASN B 261 -2.18 15.32 6.19
CA ASN B 261 -3.13 16.12 5.43
C ASN B 261 -4.53 16.08 6.02
N ILE B 262 -4.93 14.94 6.59
CA ILE B 262 -6.21 14.86 7.29
C ILE B 262 -6.14 15.59 8.62
N GLN B 263 -5.09 15.31 9.41
CA GLN B 263 -4.95 15.93 10.73
C GLN B 263 -4.99 17.45 10.63
N THR B 264 -4.34 18.00 9.60
CA THR B 264 -4.21 19.45 9.45
C THR B 264 -5.56 20.17 9.46
N GLU B 265 -6.62 19.49 9.03
CA GLU B 265 -7.91 20.11 8.84
C GLU B 265 -8.89 19.82 9.96
N LEU B 266 -8.47 19.11 10.99
CA LEU B 266 -9.34 18.74 12.09
C LEU B 266 -9.16 19.68 13.28
N THR B 267 -10.27 20.00 13.95
CA THR B 267 -10.21 20.76 15.18
C THR B 267 -9.63 19.91 16.30
N TRP B 268 -8.67 20.46 17.04
CA TRP B 268 -8.22 19.91 18.31
C TRP B 268 -8.75 20.80 19.43
N ASP B 269 -9.74 20.31 20.18
CA ASP B 269 -10.43 21.12 21.20
C ASP B 269 -10.74 20.24 22.41
N MET B 270 -9.74 20.08 23.29
CA MET B 270 -9.92 19.27 24.50
C MET B 270 -10.86 19.89 25.51
N ASP B 271 -11.16 21.19 25.37
CA ASP B 271 -12.14 21.79 26.27
C ASP B 271 -13.55 21.32 25.92
N ALA B 272 -13.86 21.23 24.63
CA ALA B 272 -15.15 20.69 24.20
C ALA B 272 -15.28 19.21 24.59
N VAL B 273 -14.19 18.45 24.47
CA VAL B 273 -14.19 17.06 24.90
C VAL B 273 -14.52 16.97 26.39
N MET B 274 -13.74 17.69 27.20
CA MET B 274 -13.87 17.65 28.66
C MET B 274 -15.26 18.12 29.10
N ASN B 275 -15.75 19.20 28.50
CA ASN B 275 -17.07 19.72 28.89
C ASN B 275 -18.14 18.68 28.67
N HIS B 276 -18.01 17.89 27.61
CA HIS B 276 -19.03 16.90 27.30
C HIS B 276 -18.87 15.64 28.15
N PHE B 277 -17.62 15.34 28.55
CA PHE B 277 -17.10 14.25 29.36
C PHE B 277 -16.87 12.98 28.53
N CYS B 278 -17.38 12.90 27.32
CA CYS B 278 -17.01 11.82 26.41
C CYS B 278 -16.45 12.40 25.12
#